data_3BO5
#
_entry.id   3BO5
#
_cell.length_a   41.396
_cell.length_b   67.827
_cell.length_c   44.637
_cell.angle_alpha   90.00
_cell.angle_beta   105.93
_cell.angle_gamma   90.00
#
_symmetry.space_group_name_H-M   'P 1 21 1'
#
loop_
_entity.id
_entity.type
_entity.pdbx_description
1 polymer 'Histone-lysine N-methyltransferase SETMAR'
2 non-polymer 'ZINC ION'
3 non-polymer S-ADENOSYL-L-HOMOCYSTEINE
4 non-polymer GLYCEROL
5 water water
#
_entity_poly.entity_id   1
_entity_poly.type   'polypeptide(L)'
_entity_poly.pdbx_seq_one_letter_code
;GAEFKEKPEAPTEQLDVACGQENLPVGAWPPGAAPAPFQYTPDHVVGPGADIDPTQITFPGCICVKTPCLPGTCSCLRHG
ENYDDNSCLRDIGSGGKYAEPVFECNVLCRCSDHCRNRVVQKGLQFHFQVFKTHKKGWGLRTLEFIPKGRFVCEYAGEVL
GFSEVQRRIHLQTKSDSNYIIAIREHVYNGQVMETFVDPTYIGNIGRFLNHSCEPNLLMIPVRIDSMVPKLALFAAKDIV
PEEELSYDYSGRYLNLTVSASKERLDHGKLRKPCYCGAKSCTAFLPFDSS
;
_entity_poly.pdbx_strand_id   A
#
# COMPACT_ATOMS: atom_id res chain seq x y z
N THR A 12 19.52 -23.81 1.58
CA THR A 12 18.30 -23.37 2.33
C THR A 12 17.44 -22.50 1.40
N GLU A 13 16.29 -23.02 1.01
CA GLU A 13 15.36 -22.23 0.19
C GLU A 13 14.46 -21.43 1.16
N GLN A 14 14.39 -20.12 0.96
CA GLN A 14 13.47 -19.28 1.75
C GLN A 14 12.02 -19.44 1.31
N LEU A 15 11.23 -20.08 2.16
CA LEU A 15 9.86 -20.48 1.86
C LEU A 15 8.95 -19.23 1.88
N ASP A 16 9.22 -18.31 2.82
CA ASP A 16 8.31 -17.19 3.06
C ASP A 16 9.02 -15.87 2.88
N VAL A 17 8.70 -15.15 1.80
CA VAL A 17 9.42 -13.90 1.60
C VAL A 17 9.17 -12.90 2.73
N ALA A 18 8.02 -13.04 3.40
CA ALA A 18 7.61 -12.17 4.50
C ALA A 18 8.15 -12.62 5.84
N CYS A 19 8.98 -13.66 5.85
CA CYS A 19 9.77 -14.01 7.04
C CYS A 19 8.85 -14.24 8.26
N GLY A 20 7.66 -14.80 8.01
CA GLY A 20 6.78 -15.14 9.15
C GLY A 20 6.05 -13.93 9.75
N GLN A 21 6.26 -12.76 9.13
CA GLN A 21 5.81 -11.46 9.70
CA GLN A 21 5.78 -11.50 9.72
C GLN A 21 4.41 -11.04 9.27
N GLU A 22 3.76 -11.84 8.41
CA GLU A 22 2.37 -11.52 8.02
C GLU A 22 1.49 -12.67 8.44
N ASN A 23 0.20 -12.51 8.27
CA ASN A 23 -0.72 -13.56 8.68
C ASN A 23 -0.54 -14.86 7.95
N LEU A 24 -0.12 -14.71 6.68
CA LEU A 24 0.09 -15.83 5.78
C LEU A 24 1.47 -15.70 5.17
N PRO A 25 2.06 -16.81 4.78
CA PRO A 25 3.35 -16.77 4.09
C PRO A 25 3.13 -16.19 2.71
N VAL A 26 4.22 -15.68 2.20
CA VAL A 26 4.28 -15.23 0.80
C VAL A 26 5.38 -16.05 0.09
N GLY A 27 5.00 -16.83 -0.93
CA GLY A 27 5.97 -17.70 -1.59
C GLY A 27 6.73 -16.96 -2.67
N ALA A 28 7.76 -17.60 -3.20
CA ALA A 28 8.54 -17.05 -4.30
C ALA A 28 8.53 -18.06 -5.43
N TRP A 29 8.60 -17.54 -6.64
CA TRP A 29 8.57 -18.40 -7.82
C TRP A 29 9.44 -17.72 -8.85
N PRO A 30 10.20 -18.49 -9.62
CA PRO A 30 10.25 -19.95 -9.68
C PRO A 30 11.06 -20.57 -8.55
N PRO A 31 10.83 -21.88 -8.25
CA PRO A 31 11.56 -22.63 -7.21
C PRO A 31 13.01 -22.40 -7.42
N GLY A 32 13.75 -22.17 -6.33
CA GLY A 32 15.19 -21.94 -6.44
C GLY A 32 15.58 -20.57 -6.91
N ALA A 33 14.61 -19.65 -7.00
CA ALA A 33 14.91 -18.24 -7.31
C ALA A 33 14.34 -17.37 -6.19
N ALA A 34 15.10 -16.32 -5.85
CA ALA A 34 14.65 -15.35 -4.82
C ALA A 34 14.98 -13.90 -5.20
N PRO A 35 14.09 -12.96 -4.83
CA PRO A 35 14.48 -11.58 -5.05
C PRO A 35 15.69 -11.12 -4.27
N ALA A 36 16.31 -10.03 -4.72
CA ALA A 36 17.36 -9.36 -3.94
C ALA A 36 16.95 -9.12 -2.48
N PRO A 37 17.78 -9.51 -1.54
CA PRO A 37 17.50 -9.35 -0.13
C PRO A 37 17.10 -7.96 0.32
N PHE A 38 16.12 -7.90 1.22
CA PHE A 38 15.78 -6.67 1.90
C PHE A 38 15.34 -7.00 3.30
N GLN A 39 15.17 -5.98 4.16
CA GLN A 39 14.68 -6.25 5.51
C GLN A 39 13.16 -6.18 5.55
N TYR A 40 12.51 -7.31 5.84
CA TYR A 40 11.06 -7.26 5.84
C TYR A 40 10.49 -6.53 7.03
N THR A 41 9.44 -5.73 6.78
CA THR A 41 8.62 -5.22 7.85
C THR A 41 7.19 -5.26 7.41
N PRO A 42 6.30 -5.70 8.31
CA PRO A 42 4.89 -5.68 7.94
C PRO A 42 4.29 -4.32 8.07
N ASP A 43 5.02 -3.36 8.68
CA ASP A 43 4.43 -2.09 8.99
C ASP A 43 5.41 -0.96 8.71
N HIS A 44 4.91 0.23 8.56
CA HIS A 44 5.84 1.40 8.41
C HIS A 44 6.80 1.44 9.63
N VAL A 45 8.01 1.94 9.36
CA VAL A 45 8.99 2.17 10.41
C VAL A 45 9.48 3.60 10.24
N VAL A 46 10.06 4.11 11.33
CA VAL A 46 10.67 5.46 11.27
C VAL A 46 11.85 5.43 10.36
N GLY A 47 11.95 6.49 9.52
CA GLY A 47 13.12 6.60 8.66
C GLY A 47 13.69 8.00 8.90
N PRO A 48 14.88 8.22 8.31
CA PRO A 48 15.47 9.55 8.44
C PRO A 48 14.54 10.65 7.98
N GLY A 49 14.47 11.68 8.79
CA GLY A 49 13.68 12.88 8.46
C GLY A 49 12.21 12.82 8.78
N ALA A 50 11.73 11.64 9.16
CA ALA A 50 10.36 11.54 9.63
C ALA A 50 10.22 12.43 10.87
N ASP A 51 9.17 13.21 10.94
CA ASP A 51 8.89 14.00 12.15
C ASP A 51 7.78 13.40 12.98
N ILE A 52 7.15 12.34 12.48
CA ILE A 52 6.05 11.66 13.17
C ILE A 52 6.38 10.13 13.14
N ASP A 53 6.43 9.47 14.32
CA ASP A 53 6.72 8.07 14.37
C ASP A 53 5.46 7.34 14.00
N PRO A 54 5.50 6.58 12.87
CA PRO A 54 4.22 6.07 12.37
C PRO A 54 3.63 5.02 13.28
N THR A 55 4.39 4.55 14.27
CA THR A 55 3.90 3.53 15.20
C THR A 55 3.22 4.13 16.44
N GLN A 56 3.36 5.44 16.61
CA GLN A 56 2.83 6.12 17.80
C GLN A 56 1.35 6.42 17.60
N ILE A 57 0.56 6.22 18.66
CA ILE A 57 -0.86 6.58 18.60
C ILE A 57 -1.04 8.09 18.69
N THR A 58 -1.76 8.67 17.71
CA THR A 58 -2.13 10.10 17.59
C THR A 58 -3.62 10.29 17.87
N PHE A 59 -4.44 9.29 17.49
CA PHE A 59 -5.90 9.48 17.49
C PHE A 59 -6.55 8.76 18.64
N PRO A 60 -7.39 9.50 19.40
CA PRO A 60 -7.91 8.87 20.63
C PRO A 60 -9.03 7.85 20.45
N GLY A 61 -9.53 7.82 19.24
CA GLY A 61 -10.56 6.81 18.89
C GLY A 61 -11.99 7.26 19.13
N CYS A 62 -12.92 6.32 18.90
CA CYS A 62 -14.33 6.65 19.11
C CYS A 62 -14.76 6.18 20.48
N ILE A 63 -16.00 6.61 20.81
CA ILE A 63 -16.48 6.29 22.15
C ILE A 63 -17.45 5.13 22.19
N CYS A 64 -17.58 4.42 21.09
CA CYS A 64 -18.59 3.38 21.00
C CYS A 64 -18.13 2.23 21.84
N VAL A 65 -19.01 1.77 22.72
CA VAL A 65 -18.67 0.52 23.42
C VAL A 65 -19.91 -0.32 23.59
N LYS A 66 -21.07 0.35 23.75
CA LYS A 66 -22.28 -0.44 24.05
C LYS A 66 -22.90 -1.00 22.80
N THR A 67 -22.69 -0.36 21.66
CA THR A 67 -23.33 -0.84 20.41
C THR A 67 -22.31 -0.68 19.30
N PRO A 68 -22.52 -1.34 18.17
CA PRO A 68 -21.51 -1.26 17.11
C PRO A 68 -21.29 0.17 16.60
N CYS A 69 -20.10 0.31 15.99
CA CYS A 69 -19.76 1.53 15.41
C CYS A 69 -20.61 1.72 14.14
N LEU A 70 -21.34 2.79 14.16
CA LEU A 70 -22.18 3.15 12.99
C LEU A 70 -22.09 4.63 12.71
N PRO A 71 -22.28 4.99 11.41
CA PRO A 71 -22.27 6.39 11.07
C PRO A 71 -23.28 7.23 11.87
N GLY A 72 -22.88 8.41 12.31
CA GLY A 72 -23.80 9.20 13.10
C GLY A 72 -23.39 9.19 14.56
N THR A 73 -22.94 8.02 15.04
CA THR A 73 -22.63 7.88 16.47
C THR A 73 -21.14 7.52 16.69
N CYS A 74 -20.47 7.16 15.61
CA CYS A 74 -19.07 6.74 15.70
C CYS A 74 -18.20 7.80 15.11
N SER A 75 -17.35 8.40 15.94
CA SER A 75 -16.48 9.50 15.43
C SER A 75 -15.43 9.02 14.46
N CYS A 76 -15.23 7.71 14.40
CA CYS A 76 -14.40 7.14 13.34
C CYS A 76 -15.07 7.02 11.97
N LEU A 77 -16.39 7.21 11.91
CA LEU A 77 -17.17 7.01 10.72
C LEU A 77 -17.88 8.28 10.31
N ARG A 78 -17.17 9.37 10.35
CA ARG A 78 -17.82 10.68 10.05
C ARG A 78 -18.22 10.86 8.60
N HIS A 79 -17.77 9.97 7.71
CA HIS A 79 -18.13 10.02 6.30
C HIS A 79 -18.70 8.68 5.83
N GLY A 80 -19.48 8.06 6.71
CA GLY A 80 -20.24 6.88 6.33
C GLY A 80 -19.32 5.69 6.54
N GLU A 81 -19.81 4.51 6.26
CA GLU A 81 -19.03 3.31 6.49
C GLU A 81 -17.95 3.26 5.44
N ASN A 82 -16.76 2.82 5.82
CA ASN A 82 -15.72 2.65 4.82
C ASN A 82 -15.86 1.30 4.16
N TYR A 83 -16.33 0.33 4.93
CA TYR A 83 -16.30 -1.04 4.46
C TYR A 83 -17.68 -1.66 4.63
N ASP A 84 -17.92 -2.67 3.78
CA ASP A 84 -19.11 -3.48 3.97
C ASP A 84 -18.88 -4.66 4.86
N ASP A 85 -19.93 -5.48 5.00
CA ASP A 85 -19.87 -6.54 5.95
C ASP A 85 -18.89 -7.64 5.53
N ASN A 86 -18.49 -7.65 4.25
CA ASN A 86 -17.51 -8.61 3.73
C ASN A 86 -16.14 -8.00 3.73
N SER A 87 -15.98 -6.88 4.43
CA SER A 87 -14.71 -6.18 4.52
C SER A 87 -14.27 -5.53 3.21
N CYS A 88 -15.21 -5.34 2.29
CA CYS A 88 -14.85 -4.71 1.04
C CYS A 88 -14.93 -3.18 1.14
N LEU A 89 -14.04 -2.45 0.50
CA LEU A 89 -14.06 -1.01 0.49
C LEU A 89 -15.29 -0.55 -0.27
N ARG A 90 -16.16 0.22 0.36
CA ARG A 90 -17.37 0.62 -0.35
C ARG A 90 -17.02 1.69 -1.40
N ASP A 91 -17.80 1.78 -2.48
CA ASP A 91 -17.55 2.86 -3.44
C ASP A 91 -16.96 2.27 -4.70
N LYS A 97 -15.72 16.14 -5.87
CA LYS A 97 -14.40 16.74 -6.13
C LYS A 97 -13.42 16.67 -4.93
N TYR A 98 -13.95 16.50 -3.71
CA TYR A 98 -13.11 16.32 -2.51
C TYR A 98 -13.32 14.91 -1.96
N ALA A 99 -12.25 14.28 -1.50
CA ALA A 99 -12.30 12.87 -1.08
C ALA A 99 -12.45 12.85 0.41
N GLU A 100 -13.26 11.92 0.89
CA GLU A 100 -13.47 11.74 2.33
C GLU A 100 -12.34 10.87 2.94
N PRO A 101 -11.65 11.40 3.95
CA PRO A 101 -10.56 10.65 4.59
C PRO A 101 -11.07 9.42 5.32
N VAL A 102 -10.29 8.35 5.25
CA VAL A 102 -10.65 7.09 5.85
C VAL A 102 -9.91 6.89 7.16
N PHE A 103 -10.73 6.70 8.22
CA PHE A 103 -10.18 6.34 9.53
C PHE A 103 -10.74 5.00 9.93
N GLU A 104 -9.87 4.05 10.25
CA GLU A 104 -10.32 2.80 10.92
C GLU A 104 -10.41 3.00 12.44
N CYS A 105 -11.22 2.15 13.09
CA CYS A 105 -11.15 2.08 14.55
C CYS A 105 -9.75 1.55 14.90
N ASN A 106 -9.22 2.05 16.04
CA ASN A 106 -7.84 1.83 16.37
C ASN A 106 -7.65 1.18 17.73
N VAL A 107 -6.41 1.20 18.22
CA VAL A 107 -6.15 0.44 19.45
C VAL A 107 -6.91 1.07 20.66
N LEU A 108 -7.28 2.34 20.52
CA LEU A 108 -7.95 3.01 21.61
C LEU A 108 -9.47 2.96 21.56
N CYS A 109 -10.03 2.59 20.41
CA CYS A 109 -11.47 2.46 20.27
C CYS A 109 -11.89 1.27 21.16
N ARG A 110 -13.03 1.39 21.84
CA ARG A 110 -13.41 0.28 22.69
C ARG A 110 -14.35 -0.66 22.02
N CYS A 111 -14.72 -0.37 20.76
CA CYS A 111 -15.40 -1.40 19.98
C CYS A 111 -14.58 -2.69 19.89
N SER A 112 -15.22 -3.82 19.63
CA SER A 112 -14.48 -5.07 19.62
C SER A 112 -13.61 -5.20 18.41
N ASP A 113 -12.75 -6.20 18.44
CA ASP A 113 -11.88 -6.37 17.27
CA ASP A 113 -11.88 -6.44 17.30
C ASP A 113 -12.69 -6.87 16.06
N HIS A 114 -13.97 -7.17 16.27
CA HIS A 114 -14.91 -7.53 15.19
C HIS A 114 -15.59 -6.36 14.51
N CYS A 115 -15.24 -5.16 14.97
CA CYS A 115 -15.86 -4.00 14.43
C CYS A 115 -15.63 -4.01 12.90
N ARG A 116 -16.69 -3.68 12.15
CA ARG A 116 -16.60 -3.62 10.68
C ARG A 116 -15.68 -2.54 10.16
N ASN A 117 -15.30 -1.61 11.03
CA ASN A 117 -14.37 -0.56 10.61
C ASN A 117 -12.93 -0.88 11.00
N ARG A 118 -12.62 -2.18 11.13
CA ARG A 118 -11.21 -2.66 11.30
C ARG A 118 -10.98 -3.62 10.17
N VAL A 119 -10.17 -3.20 9.20
CA VAL A 119 -9.94 -4.02 7.97
C VAL A 119 -8.46 -3.97 7.66
N VAL A 120 -7.89 -2.81 7.28
CA VAL A 120 -6.43 -2.82 6.94
C VAL A 120 -5.61 -3.37 8.10
N GLN A 121 -6.05 -2.99 9.30
CA GLN A 121 -5.34 -3.44 10.50
C GLN A 121 -5.21 -4.92 10.70
N LYS A 122 -6.16 -5.69 10.14
CA LYS A 122 -6.22 -7.14 10.26
CA LYS A 122 -6.13 -7.12 10.35
C LYS A 122 -5.11 -7.85 9.46
N GLY A 123 -4.51 -7.13 8.52
CA GLY A 123 -3.37 -7.72 7.75
C GLY A 123 -3.79 -8.55 6.56
N LEU A 124 -2.83 -9.33 6.08
CA LEU A 124 -3.03 -10.07 4.80
C LEU A 124 -4.06 -11.13 4.99
N GLN A 125 -4.88 -11.31 3.96
CA GLN A 125 -5.96 -12.34 4.02
C GLN A 125 -5.91 -13.30 2.87
N PHE A 126 -4.92 -13.11 2.00
CA PHE A 126 -4.74 -14.01 0.82
C PHE A 126 -3.31 -14.46 0.73
N HIS A 127 -3.09 -15.55 0.00
CA HIS A 127 -1.77 -16.05 -0.24
C HIS A 127 -1.24 -15.43 -1.53
N PHE A 128 -0.16 -14.70 -1.37
CA PHE A 128 0.51 -14.08 -2.49
C PHE A 128 1.78 -14.76 -2.82
N GLN A 129 2.38 -14.41 -3.94
CA GLN A 129 3.65 -15.03 -4.37
C GLN A 129 4.44 -13.97 -5.10
N VAL A 130 5.69 -13.83 -4.70
CA VAL A 130 6.58 -12.91 -5.44
C VAL A 130 7.09 -13.76 -6.57
N PHE A 131 7.08 -13.26 -7.79
CA PHE A 131 7.43 -14.15 -8.93
C PHE A 131 8.18 -13.40 -10.00
N LYS A 132 8.99 -14.11 -10.78
CA LYS A 132 9.75 -13.44 -11.84
C LYS A 132 8.85 -13.21 -13.06
N THR A 133 8.67 -11.93 -13.36
CA THR A 133 7.92 -11.53 -14.55
C THR A 133 8.81 -11.62 -15.80
N HIS A 134 8.16 -11.47 -16.99
CA HIS A 134 8.91 -11.60 -18.25
C HIS A 134 9.91 -10.42 -18.42
N LYS A 135 9.43 -9.22 -18.17
CA LYS A 135 10.23 -8.00 -18.48
C LYS A 135 10.29 -6.92 -17.41
N LYS A 136 9.61 -7.14 -16.27
CA LYS A 136 9.44 -6.09 -15.25
C LYS A 136 10.16 -6.46 -13.96
N GLY A 137 11.06 -7.47 -13.98
CA GLY A 137 11.73 -7.93 -12.75
C GLY A 137 10.77 -8.71 -11.94
N TRP A 138 10.90 -8.62 -10.62
CA TRP A 138 10.01 -9.41 -9.78
C TRP A 138 8.67 -8.71 -9.69
N GLY A 139 7.59 -9.47 -9.52
CA GLY A 139 6.27 -8.88 -9.25
C GLY A 139 5.59 -9.63 -8.13
N LEU A 140 4.37 -9.22 -7.86
CA LEU A 140 3.53 -9.90 -6.82
C LEU A 140 2.28 -10.36 -7.53
N ARG A 141 1.93 -11.63 -7.28
CA ARG A 141 0.64 -12.09 -7.78
C ARG A 141 -0.12 -12.79 -6.67
N THR A 142 -1.42 -12.87 -6.87
CA THR A 142 -2.22 -13.63 -5.93
C THR A 142 -2.26 -15.11 -6.37
N LEU A 143 -2.28 -16.00 -5.40
CA LEU A 143 -2.48 -17.40 -5.73
C LEU A 143 -3.90 -17.79 -5.51
N GLU A 144 -4.73 -16.84 -5.17
CA GLU A 144 -6.16 -17.13 -5.02
C GLU A 144 -7.08 -16.02 -5.42
N PHE A 145 -8.36 -16.35 -5.60
CA PHE A 145 -9.29 -15.37 -6.04
C PHE A 145 -9.41 -14.25 -5.00
N ILE A 146 -9.40 -12.99 -5.45
CA ILE A 146 -9.68 -11.88 -4.56
C ILE A 146 -10.91 -11.10 -5.06
N PRO A 147 -11.99 -11.10 -4.29
CA PRO A 147 -13.16 -10.31 -4.63
C PRO A 147 -12.88 -8.84 -4.69
N LYS A 148 -13.53 -8.18 -5.63
CA LYS A 148 -13.50 -6.73 -5.76
C LYS A 148 -13.75 -6.07 -4.44
N GLY A 149 -12.89 -5.11 -4.10
CA GLY A 149 -13.05 -4.35 -2.90
C GLY A 149 -12.27 -4.84 -1.72
N ARG A 150 -11.79 -6.07 -1.77
CA ARG A 150 -11.09 -6.65 -0.63
C ARG A 150 -9.70 -6.03 -0.44
N PHE A 151 -9.28 -5.89 0.82
CA PHE A 151 -7.96 -5.37 1.12
C PHE A 151 -6.96 -6.39 0.69
N VAL A 152 -5.94 -5.90 0.01
CA VAL A 152 -4.91 -6.78 -0.52
C VAL A 152 -3.61 -6.68 0.30
N CYS A 153 -3.02 -5.48 0.31
CA CYS A 153 -1.83 -5.31 1.15
C CYS A 153 -1.54 -3.82 1.30
N GLU A 154 -0.73 -3.50 2.31
CA GLU A 154 -0.16 -2.11 2.35
C GLU A 154 1.05 -1.99 1.47
N TYR A 155 1.36 -0.70 1.22
CA TYR A 155 2.71 -0.36 0.75
C TYR A 155 3.36 0.30 1.96
N ALA A 156 4.25 -0.49 2.60
CA ALA A 156 4.81 -0.09 3.94
C ALA A 156 6.36 -0.11 3.90
N GLY A 157 6.98 0.85 4.57
CA GLY A 157 8.44 0.87 4.63
C GLY A 157 8.87 2.02 5.46
N GLU A 158 10.10 2.51 5.22
CA GLU A 158 10.54 3.63 6.04
C GLU A 158 9.75 4.87 5.67
N VAL A 159 9.35 5.60 6.70
CA VAL A 159 8.66 6.89 6.51
C VAL A 159 9.74 7.96 6.57
N LEU A 160 9.87 8.74 5.51
CA LEU A 160 11.06 9.60 5.33
C LEU A 160 10.61 11.04 5.32
N GLY A 161 11.55 11.91 5.65
CA GLY A 161 11.31 13.30 5.35
C GLY A 161 11.69 13.68 3.92
N PHE A 162 11.22 14.88 3.54
CA PHE A 162 11.39 15.36 2.19
C PHE A 162 12.89 15.41 1.76
N SER A 163 13.74 15.96 2.64
CA SER A 163 15.16 16.09 2.27
C SER A 163 15.84 14.76 2.15
N GLU A 164 15.45 13.81 3.04
CA GLU A 164 15.98 12.45 2.91
C GLU A 164 15.56 11.80 1.59
N VAL A 165 14.32 12.07 1.20
CA VAL A 165 13.83 11.62 -0.13
C VAL A 165 14.69 12.16 -1.26
N GLN A 166 14.90 13.47 -1.22
CA GLN A 166 15.79 14.06 -2.20
C GLN A 166 17.16 13.43 -2.22
N ARG A 167 17.72 13.20 -1.04
CA ARG A 167 19.02 12.59 -0.92
C ARG A 167 19.07 11.21 -1.57
N ARG A 168 18.06 10.38 -1.29
CA ARG A 168 18.05 9.04 -1.85
C ARG A 168 17.77 8.99 -3.34
N ILE A 169 16.83 9.81 -3.79
CA ILE A 169 16.47 9.81 -5.19
CA ILE A 169 16.45 9.88 -5.21
C ILE A 169 17.69 10.19 -6.04
N HIS A 170 18.50 11.11 -5.55
CA HIS A 170 19.57 11.61 -6.42
C HIS A 170 20.64 10.55 -6.65
N LEU A 171 20.57 9.46 -5.90
CA LEU A 171 21.53 8.36 -6.03
C LEU A 171 21.01 7.21 -6.90
N GLN A 172 19.74 7.29 -7.29
CA GLN A 172 19.14 6.24 -8.11
C GLN A 172 19.90 6.08 -9.44
N THR A 173 20.52 4.91 -9.63
CA THR A 173 21.20 4.60 -10.91
C THR A 173 20.19 4.07 -11.95
N LYS A 174 20.68 3.68 -13.13
CA LYS A 174 19.81 3.40 -14.29
C LYS A 174 19.01 2.10 -14.22
N SER A 175 19.60 1.04 -13.65
CA SER A 175 18.88 -0.23 -13.52
C SER A 175 18.23 -0.42 -12.13
N ASP A 176 18.42 0.56 -11.23
CA ASP A 176 17.78 0.52 -9.90
C ASP A 176 16.24 0.42 -10.04
N SER A 177 15.63 -0.49 -9.28
CA SER A 177 14.16 -0.44 -9.10
C SER A 177 13.96 0.78 -8.19
N ASN A 178 12.91 1.57 -8.46
CA ASN A 178 12.64 2.84 -7.73
C ASN A 178 11.42 2.55 -6.86
N TYR A 179 11.49 2.80 -5.54
CA TYR A 179 10.35 2.42 -4.69
C TYR A 179 9.73 3.53 -3.87
N ILE A 180 10.35 4.72 -3.81
CA ILE A 180 9.79 5.73 -2.95
C ILE A 180 8.48 6.23 -3.51
N ILE A 181 7.50 6.45 -2.63
CA ILE A 181 6.23 7.02 -3.08
C ILE A 181 5.95 8.26 -2.24
N ALA A 182 5.36 9.25 -2.89
CA ALA A 182 4.97 10.50 -2.24
C ALA A 182 3.47 10.64 -2.21
N ILE A 183 2.93 10.80 -1.01
CA ILE A 183 1.49 10.91 -0.82
C ILE A 183 1.24 12.35 -0.37
N ARG A 184 0.40 13.07 -1.08
CA ARG A 184 0.05 14.42 -0.65
C ARG A 184 -1.45 14.50 -0.52
N GLU A 185 -1.93 14.88 0.65
CA GLU A 185 -3.32 14.94 0.87
C GLU A 185 -3.68 16.41 1.20
N HIS A 186 -4.64 16.96 0.46
CA HIS A 186 -5.00 18.39 0.63
C HIS A 186 -6.24 18.53 1.47
N VAL A 192 -1.56 20.94 3.51
CA VAL A 192 -1.16 19.71 2.81
C VAL A 192 -0.45 18.74 3.77
N MET A 193 -0.93 17.51 3.86
CA MET A 193 -0.27 16.48 4.65
C MET A 193 0.57 15.71 3.64
N GLU A 194 1.86 15.67 3.86
CA GLU A 194 2.69 14.92 2.93
C GLU A 194 3.34 13.72 3.62
N THR A 195 3.41 12.56 2.96
CA THR A 195 3.99 11.34 3.53
C THR A 195 4.87 10.68 2.47
N PHE A 196 6.09 10.41 2.83
CA PHE A 196 6.98 9.69 1.90
C PHE A 196 7.23 8.35 2.48
N VAL A 197 7.03 7.32 1.65
CA VAL A 197 7.27 5.95 2.13
C VAL A 197 8.25 5.26 1.24
N ASP A 198 9.21 4.58 1.83
CA ASP A 198 10.29 4.01 1.01
C ASP A 198 10.53 2.59 1.50
N PRO A 199 10.05 1.56 0.76
CA PRO A 199 10.30 0.19 1.15
C PRO A 199 11.53 -0.41 0.47
N THR A 200 12.46 0.45 -0.01
CA THR A 200 13.62 -0.04 -0.76
C THR A 200 14.48 -0.98 0.09
N TYR A 201 14.81 -0.53 1.31
CA TYR A 201 15.70 -1.34 2.20
C TYR A 201 14.95 -2.08 3.28
N ILE A 202 13.93 -1.41 3.83
CA ILE A 202 13.10 -1.99 4.89
C ILE A 202 11.66 -1.82 4.40
N GLY A 203 10.96 -2.92 4.13
CA GLY A 203 9.61 -2.71 3.54
C GLY A 203 8.84 -3.98 3.58
N ASN A 204 7.59 -3.86 3.18
CA ASN A 204 6.70 -5.02 3.19
C ASN A 204 6.55 -5.54 1.76
N ILE A 205 5.63 -6.50 1.57
CA ILE A 205 5.54 -7.18 0.26
CA ILE A 205 5.56 -7.17 0.31
C ILE A 205 5.01 -6.25 -0.82
N GLY A 206 4.39 -5.13 -0.42
CA GLY A 206 3.90 -4.20 -1.41
C GLY A 206 4.98 -3.63 -2.32
N ARG A 207 6.22 -3.67 -1.85
CA ARG A 207 7.36 -3.18 -2.66
C ARG A 207 7.44 -3.94 -3.98
N PHE A 208 6.87 -5.17 -4.04
CA PHE A 208 6.97 -5.93 -5.30
C PHE A 208 5.90 -5.65 -6.32
N LEU A 209 4.96 -4.76 -6.00
CA LEU A 209 3.89 -4.46 -6.94
C LEU A 209 4.38 -3.67 -8.12
N ASN A 210 4.18 -4.26 -9.31
CA ASN A 210 4.50 -3.49 -10.51
C ASN A 210 3.42 -2.48 -10.90
N HIS A 211 3.80 -1.54 -11.78
CA HIS A 211 2.84 -0.59 -12.26
C HIS A 211 2.02 -1.18 -13.41
N SER A 212 0.78 -0.77 -13.48
CA SER A 212 0.03 -0.99 -14.68
C SER A 212 -0.73 0.25 -15.02
N CYS A 213 -0.90 0.51 -16.35
CA CYS A 213 -1.73 1.60 -16.80
C CYS A 213 -3.21 1.31 -16.59
N GLU A 214 -3.51 0.02 -16.39
CA GLU A 214 -4.88 -0.43 -16.12
C GLU A 214 -4.74 -1.40 -14.98
N PRO A 215 -4.50 -0.86 -13.80
CA PRO A 215 -4.14 -1.77 -12.71
C PRO A 215 -5.34 -2.40 -12.10
N ASN A 216 -5.05 -3.34 -11.18
CA ASN A 216 -6.18 -3.98 -10.49
C ASN A 216 -6.28 -3.66 -9.02
N LEU A 217 -5.36 -2.82 -8.55
CA LEU A 217 -5.45 -2.31 -7.16
C LEU A 217 -5.65 -0.79 -7.19
N LEU A 218 -6.34 -0.32 -6.15
CA LEU A 218 -6.45 1.07 -5.82
C LEU A 218 -5.84 1.36 -4.46
N MET A 219 -4.96 2.39 -4.37
CA MET A 219 -4.35 2.75 -3.10
C MET A 219 -5.15 3.86 -2.39
N ILE A 220 -5.51 3.62 -1.12
CA ILE A 220 -6.24 4.55 -0.32
C ILE A 220 -5.43 4.85 0.94
N PRO A 221 -5.20 6.15 1.27
CA PRO A 221 -4.56 6.42 2.60
C PRO A 221 -5.55 6.09 3.70
N VAL A 222 -5.15 5.19 4.60
CA VAL A 222 -6.03 4.78 5.66
C VAL A 222 -5.33 5.08 6.99
N ARG A 223 -6.00 5.92 7.83
CA ARG A 223 -5.44 6.16 9.16
C ARG A 223 -6.00 5.24 10.21
N ILE A 224 -5.15 4.80 11.13
CA ILE A 224 -5.55 3.87 12.16
C ILE A 224 -5.10 4.50 13.50
N ASP A 225 -3.91 4.13 13.96
CA ASP A 225 -3.41 4.74 15.21
C ASP A 225 -2.78 6.10 15.03
N SER A 226 -2.15 6.28 13.88
CA SER A 226 -1.24 7.37 13.58
C SER A 226 -1.70 8.33 12.53
N MET A 227 -1.23 9.59 12.65
CA MET A 227 -1.39 10.53 11.57
C MET A 227 -0.69 10.11 10.25
N VAL A 228 0.32 9.27 10.37
CA VAL A 228 0.99 8.71 9.19
C VAL A 228 0.05 7.63 8.59
N PRO A 229 -0.45 7.88 7.39
CA PRO A 229 -1.43 6.92 6.88
C PRO A 229 -0.83 5.62 6.40
N LYS A 230 -1.60 4.54 6.51
CA LYS A 230 -1.28 3.35 5.83
C LYS A 230 -1.67 3.52 4.36
N LEU A 231 -0.86 2.97 3.46
CA LEU A 231 -1.09 3.11 2.02
C LEU A 231 -1.67 1.78 1.62
N ALA A 232 -3.00 1.74 1.68
CA ALA A 232 -3.70 0.44 1.65
C ALA A 232 -4.16 0.15 0.24
N LEU A 233 -3.81 -1.03 -0.30
CA LEU A 233 -4.19 -1.35 -1.72
C LEU A 233 -5.37 -2.31 -1.58
N PHE A 234 -6.45 -1.90 -2.26
CA PHE A 234 -7.68 -2.75 -2.34
C PHE A 234 -7.90 -3.21 -3.74
N ALA A 235 -8.52 -4.39 -3.89
CA ALA A 235 -8.80 -4.85 -5.25
C ALA A 235 -9.83 -3.95 -5.91
N ALA A 236 -9.51 -3.45 -7.11
CA ALA A 236 -10.40 -2.53 -7.84
C ALA A 236 -11.44 -3.33 -8.67
N LYS A 237 -11.17 -4.60 -8.80
CA LYS A 237 -11.98 -5.54 -9.61
C LYS A 237 -11.76 -6.94 -9.05
N ASP A 238 -12.52 -7.95 -9.46
CA ASP A 238 -12.18 -9.30 -9.04
C ASP A 238 -10.83 -9.68 -9.67
N ILE A 239 -9.96 -10.23 -8.87
CA ILE A 239 -8.61 -10.65 -9.34
C ILE A 239 -8.55 -12.18 -9.22
N VAL A 240 -8.10 -12.82 -10.29
CA VAL A 240 -8.22 -14.25 -10.34
C VAL A 240 -6.94 -14.91 -9.89
N PRO A 241 -6.97 -16.22 -9.60
CA PRO A 241 -5.73 -16.83 -9.19
C PRO A 241 -4.61 -16.67 -10.23
N GLU A 242 -3.42 -16.39 -9.72
CA GLU A 242 -2.19 -16.19 -10.52
C GLU A 242 -2.16 -14.84 -11.23
N GLU A 243 -3.16 -14.03 -11.03
CA GLU A 243 -3.20 -12.74 -11.70
C GLU A 243 -2.18 -11.89 -10.96
N GLU A 244 -1.37 -11.21 -11.76
CA GLU A 244 -0.41 -10.26 -11.18
C GLU A 244 -1.12 -9.04 -10.62
N LEU A 245 -0.62 -8.59 -9.46
CA LEU A 245 -1.23 -7.46 -8.73
C LEU A 245 -0.47 -6.19 -9.14
N SER A 246 -1.19 -5.13 -9.42
CA SER A 246 -0.51 -3.89 -9.90
C SER A 246 -1.23 -2.70 -9.40
N TYR A 247 -0.52 -1.56 -9.33
CA TYR A 247 -1.26 -0.31 -9.10
C TYR A 247 -0.64 0.75 -10.00
N ASP A 248 -1.35 1.88 -10.06
CA ASP A 248 -0.89 2.93 -10.96
C ASP A 248 0.13 3.80 -10.29
N TYR A 249 1.38 3.75 -10.78
CA TYR A 249 2.44 4.50 -10.08
C TYR A 249 2.19 6.03 -10.13
N SER A 250 1.33 6.53 -11.06
CA SER A 250 0.99 7.97 -11.03
C SER A 250 -0.10 8.30 -10.07
N GLY A 251 -0.75 7.24 -9.55
CA GLY A 251 -1.84 7.42 -8.60
C GLY A 251 -3.11 7.96 -9.23
N ARG A 252 -3.13 8.05 -10.58
CA ARG A 252 -4.35 8.60 -11.23
C ARG A 252 -5.56 7.70 -11.28
N TYR A 253 -5.34 6.39 -11.37
CA TYR A 253 -6.43 5.40 -11.48
C TYR A 253 -7.50 5.61 -10.41
N LEU A 254 -8.73 5.89 -10.88
CA LEU A 254 -9.84 6.03 -9.95
C LEU A 254 -9.61 7.09 -8.90
N ASN A 255 -8.79 8.08 -9.25
CA ASN A 255 -8.47 9.15 -8.34
C ASN A 255 -9.13 10.41 -8.87
N LEU A 256 -10.36 10.62 -8.42
CA LEU A 256 -11.23 11.56 -9.12
C LEU A 256 -11.56 12.73 -8.26
N THR A 257 -10.71 12.96 -7.26
CA THR A 257 -10.79 14.16 -6.45
C THR A 257 -9.44 14.90 -6.45
N VAL A 258 -9.50 16.15 -6.02
CA VAL A 258 -8.32 17.04 -5.92
C VAL A 258 -7.48 16.75 -4.67
N SER A 259 -7.97 15.83 -3.84
CA SER A 259 -7.54 15.70 -2.45
C SER A 259 -6.23 14.97 -2.18
N ALA A 260 -5.87 14.00 -3.04
CA ALA A 260 -4.78 13.08 -2.65
C ALA A 260 -3.98 12.52 -3.80
N SER A 261 -2.81 13.10 -4.03
CA SER A 261 -1.92 12.61 -5.08
C SER A 261 -1.07 11.48 -4.45
N LYS A 262 -0.73 10.47 -5.28
CA LYS A 262 0.00 9.30 -4.77
CA LYS A 262 -0.01 9.30 -4.80
C LYS A 262 0.97 8.96 -5.89
N GLU A 263 2.20 9.50 -5.79
CA GLU A 263 3.14 9.41 -6.91
C GLU A 263 4.42 8.69 -6.56
N ARG A 264 4.74 7.70 -7.39
CA ARG A 264 6.04 7.05 -7.25
C ARG A 264 7.14 7.94 -7.82
N LEU A 265 8.29 7.96 -7.16
CA LEU A 265 9.33 8.94 -7.58
C LEU A 265 10.50 8.19 -8.21
N ASP A 266 11.20 8.88 -9.12
CA ASP A 266 12.47 8.29 -9.56
C ASP A 266 13.46 9.42 -9.82
N HIS A 267 14.61 9.04 -10.33
CA HIS A 267 15.60 10.04 -10.67
C HIS A 267 15.90 9.95 -12.15
N GLY A 268 16.11 11.12 -12.69
CA GLY A 268 16.74 11.21 -13.98
C GLY A 268 15.67 11.41 -15.03
N LYS A 269 16.15 11.88 -16.17
CA LYS A 269 15.24 12.44 -17.08
C LYS A 269 14.70 11.42 -18.09
N LEU A 270 15.40 10.30 -18.29
CA LEU A 270 14.84 9.21 -19.16
C LEU A 270 13.45 8.78 -18.72
N ARG A 271 12.57 8.63 -19.71
CA ARG A 271 11.22 8.14 -19.44
C ARG A 271 11.34 6.62 -19.57
N LYS A 272 11.08 5.86 -18.47
CA LYS A 272 11.31 4.42 -18.50
C LYS A 272 10.13 3.78 -19.19
N PRO A 273 10.38 2.77 -20.01
CA PRO A 273 9.27 2.14 -20.78
C PRO A 273 8.41 1.33 -19.85
N CYS A 274 7.13 1.30 -20.17
CA CYS A 274 6.15 0.49 -19.45
C CYS A 274 5.87 -0.74 -20.31
N TYR A 275 5.82 -1.89 -19.64
CA TYR A 275 5.52 -3.18 -20.28
C TYR A 275 4.25 -3.79 -19.63
N CYS A 276 3.35 -2.94 -19.16
CA CYS A 276 2.21 -3.45 -18.41
C CYS A 276 1.30 -4.25 -19.30
N GLY A 277 1.30 -4.01 -20.63
CA GLY A 277 0.41 -4.85 -21.55
C GLY A 277 -1.01 -4.41 -21.66
N ALA A 278 -1.38 -3.37 -20.93
CA ALA A 278 -2.75 -2.85 -21.02
C ALA A 278 -3.04 -2.20 -22.37
N LYS A 279 -4.28 -2.32 -22.87
CA LYS A 279 -4.64 -1.62 -24.10
C LYS A 279 -4.42 -0.10 -24.05
N SER A 280 -4.71 0.52 -22.90
CA SER A 280 -4.49 1.95 -22.79
C SER A 280 -3.06 2.29 -22.36
N CYS A 281 -2.14 1.33 -22.45
CA CYS A 281 -0.73 1.64 -22.04
C CYS A 281 -0.21 2.93 -22.65
N THR A 282 0.46 3.76 -21.85
CA THR A 282 1.00 5.02 -22.35
C THR A 282 2.42 4.82 -22.86
N ALA A 283 2.97 3.60 -22.66
CA ALA A 283 4.33 3.18 -23.00
C ALA A 283 5.40 3.73 -22.06
N PHE A 284 5.02 4.54 -21.06
CA PHE A 284 6.02 4.96 -20.10
C PHE A 284 5.57 4.77 -18.66
N LEU A 285 6.54 4.45 -17.84
CA LEU A 285 6.29 4.28 -16.44
C LEU A 285 6.21 5.67 -15.83
N PRO A 286 5.06 6.01 -15.26
CA PRO A 286 4.81 7.41 -14.86
C PRO A 286 5.38 7.80 -13.48
N PHE A 287 6.69 7.71 -13.34
CA PHE A 287 7.35 8.29 -12.14
C PHE A 287 7.36 9.80 -12.20
N ASP A 288 7.35 10.42 -11.03
CA ASP A 288 7.73 11.81 -10.89
C ASP A 288 9.24 11.85 -10.71
N SER A 289 9.92 12.44 -11.68
CA SER A 289 11.39 12.42 -11.77
C SER A 289 12.02 13.63 -11.10
N SER A 290 13.15 13.38 -10.44
CA SER A 290 14.02 14.45 -9.91
C SER A 290 15.49 14.12 -10.20
#